data_7AMA
#
_entry.id   7AMA
#
_cell.length_a   67.360
_cell.length_b   85.200
_cell.length_c   118.220
_cell.angle_alpha   90.00
_cell.angle_beta   90.00
_cell.angle_gamma   90.00
#
_symmetry.space_group_name_H-M   'C 2 2 21'
#
loop_
_entity.id
_entity.type
_entity.pdbx_description
1 polymer Interleukin-17A
2 non-polymer ~{N}-[(2~{S})-1,1-dicyclopropyl-3-[[4-(3,5-dimethyl-1~{H}-pyrazol-4-yl)phenyl]amino]-3-oxidanylidene-propan-2-yl]-2-propan-2-yl-pyrazole-3-carboxamide
3 water water
#
_entity_poly.entity_id   1
_entity_poly.type   'polypeptide(L)'
_entity_poly.pdbx_seq_one_letter_code
;PRTVMVNLNIHNRNTNTNPKRSSDYYNRSTSPWNLHRNEDPERYPSVIWEAKCRHLGCINADGNVDYHMNSVPIQQEILV
LRREPPHCPNSFRLEKILVSVGCTCVTPI
;
_entity_poly.pdbx_strand_id   A,B
#
loop_
_chem_comp.id
_chem_comp.type
_chem_comp.name
_chem_comp.formula
RMK non-polymer ~{N}-[(2~{S})-1,1-dicyclopropyl-3-[[4-(3,5-dimethyl-1~{H}-pyrazol-4-yl)phenyl]amino]-3-oxidanylidene-propan-2-yl]-2-propan-2-yl-pyrazole-3-carboxamide 'C27 H34 N6 O2'
#
# COMPACT_ATOMS: atom_id res chain seq x y z
N PRO A 1 1.49 -26.34 9.04
CA PRO A 1 0.63 -25.15 9.32
C PRO A 1 1.09 -24.28 10.52
N ARG A 2 2.25 -23.61 10.42
CA ARG A 2 2.99 -23.06 11.60
C ARG A 2 2.25 -21.88 12.23
N THR A 3 2.11 -22.03 13.53
CA THR A 3 1.48 -21.11 14.48
C THR A 3 2.56 -20.34 15.22
N VAL A 4 2.36 -19.03 15.37
CA VAL A 4 3.35 -18.19 16.08
C VAL A 4 2.60 -17.29 17.02
N MET A 5 3.34 -16.69 17.92
CA MET A 5 2.83 -15.74 18.90
C MET A 5 3.27 -14.32 18.49
N VAL A 6 2.40 -13.32 18.67
CA VAL A 6 2.64 -11.91 18.28
C VAL A 6 2.20 -11.00 19.43
N ASN A 7 3.10 -10.15 19.89
CA ASN A 7 2.76 -8.97 20.74
C ASN A 7 2.17 -7.86 19.86
N LEU A 8 0.87 -7.56 19.94
CA LEU A 8 0.22 -6.51 19.12
C LEU A 8 0.59 -5.08 19.59
N ASN A 9 1.47 -4.93 20.59
CA ASN A 9 1.98 -3.60 21.03
C ASN A 9 3.00 -3.11 20.04
N ILE A 10 2.65 -2.07 19.30
CA ILE A 10 3.39 -1.64 18.08
C ILE A 10 4.61 -0.82 18.52
N HIS A 11 5.74 -1.00 17.82
CA HIS A 11 7.00 -0.18 17.81
C HIS A 11 6.82 1.13 18.60
N SER A 22 3.15 16.04 2.03
CA SER A 22 2.79 14.67 1.59
C SER A 22 1.36 14.27 2.04
N SER A 23 0.82 14.95 3.05
CA SER A 23 -0.56 14.79 3.55
C SER A 23 -1.59 14.81 2.40
N ASP A 24 -1.40 15.74 1.42
CA ASP A 24 -2.43 16.22 0.47
C ASP A 24 -2.27 15.72 -0.98
N TYR A 25 -1.52 14.64 -1.26
CA TYR A 25 -1.41 13.99 -2.61
C TYR A 25 -2.81 13.62 -3.10
N TYR A 26 -3.63 13.08 -2.22
CA TYR A 26 -4.98 12.60 -2.62
C TYR A 26 -5.71 13.75 -3.32
N ASN A 27 -5.24 15.01 -3.10
CA ASN A 27 -5.92 16.28 -3.52
C ASN A 27 -5.21 16.96 -4.68
N ARG A 28 -3.90 16.96 -4.71
CA ARG A 28 -3.09 17.65 -5.72
C ARG A 28 -2.80 16.71 -6.91
N SER A 29 -3.09 15.42 -6.80
CA SER A 29 -2.83 14.43 -7.86
C SER A 29 -3.69 14.78 -9.09
N THR A 30 -3.14 14.69 -10.31
CA THR A 30 -3.93 14.55 -11.55
C THR A 30 -4.83 13.30 -11.52
N SER A 31 -4.63 12.35 -10.60
CA SER A 31 -5.56 11.21 -10.38
C SER A 31 -5.95 11.19 -8.91
N PRO A 32 -6.76 12.18 -8.46
CA PRO A 32 -7.09 12.31 -7.05
C PRO A 32 -8.13 11.27 -6.63
N TRP A 33 -8.28 11.13 -5.31
CA TRP A 33 -8.99 9.99 -4.69
C TRP A 33 -9.45 10.40 -3.29
N ASN A 34 -10.40 9.62 -2.78
CA ASN A 34 -10.91 9.70 -1.39
C ASN A 34 -10.62 8.35 -0.75
N LEU A 35 -10.52 8.38 0.56
CA LEU A 35 -10.50 7.18 1.43
C LEU A 35 -11.93 6.80 1.82
N HIS A 36 -12.27 5.53 1.60
CA HIS A 36 -13.42 4.82 2.20
C HIS A 36 -12.94 3.98 3.40
N ARG A 37 -13.57 4.14 4.57
CA ARG A 37 -13.39 3.31 5.78
C ARG A 37 -14.16 1.99 5.61
N ASN A 38 -13.52 0.83 5.73
CA ASN A 38 -14.22 -0.49 5.80
C ASN A 38 -13.87 -1.11 7.15
N GLU A 39 -14.89 -1.39 7.97
CA GLU A 39 -14.72 -1.89 9.36
C GLU A 39 -15.16 -3.35 9.43
N ASP A 40 -14.38 -4.18 10.11
CA ASP A 40 -14.70 -5.62 10.30
C ASP A 40 -14.22 -6.03 11.67
N PRO A 41 -15.12 -6.19 12.66
CA PRO A 41 -14.68 -6.41 14.03
C PRO A 41 -14.05 -7.80 14.21
N GLU A 42 -14.19 -8.71 13.24
CA GLU A 42 -13.58 -10.09 13.26
C GLU A 42 -12.15 -10.09 12.69
N ARG A 43 -11.62 -8.91 12.36
CA ARG A 43 -10.36 -8.75 11.59
C ARG A 43 -9.44 -7.81 12.35
N TYR A 44 -8.13 -8.07 12.38
CA TYR A 44 -7.08 -7.10 12.80
C TYR A 44 -6.23 -6.77 11.58
N PRO A 45 -6.06 -5.49 11.18
CA PRO A 45 -6.77 -4.37 11.80
C PRO A 45 -8.23 -4.39 11.38
N SER A 46 -9.11 -3.93 12.27
CA SER A 46 -10.57 -3.95 12.04
C SER A 46 -10.89 -2.81 11.08
N VAL A 47 -10.12 -1.73 11.11
CA VAL A 47 -10.40 -0.55 10.25
C VAL A 47 -9.37 -0.51 9.12
N ILE A 48 -9.82 -0.58 7.88
CA ILE A 48 -8.93 -0.41 6.70
C ILE A 48 -9.47 0.73 5.84
N TRP A 49 -8.62 1.69 5.53
CA TRP A 49 -8.97 2.82 4.65
C TRP A 49 -8.47 2.51 3.25
N GLU A 50 -9.39 2.47 2.30
CA GLU A 50 -9.19 2.15 0.87
C GLU A 50 -9.29 3.46 0.06
N ALA A 51 -8.41 3.68 -0.92
CA ALA A 51 -8.53 4.71 -1.96
C ALA A 51 -9.63 4.34 -2.98
N LYS A 52 -10.36 5.34 -3.45
CA LYS A 52 -11.21 5.27 -4.66
C LYS A 52 -10.92 6.52 -5.49
N CYS A 53 -10.62 6.31 -6.78
CA CYS A 53 -10.35 7.35 -7.78
C CYS A 53 -11.62 8.20 -7.86
N ARG A 54 -11.47 9.53 -7.86
CA ARG A 54 -12.60 10.48 -7.92
C ARG A 54 -13.23 10.38 -9.30
N HIS A 55 -12.43 10.13 -10.32
CA HIS A 55 -12.77 10.28 -11.75
C HIS A 55 -12.26 9.08 -12.54
N LEU A 56 -12.82 8.86 -13.72
CA LEU A 56 -12.33 7.82 -14.65
C LEU A 56 -11.19 8.44 -15.44
N GLY A 57 -11.26 9.73 -15.72
CA GLY A 57 -10.18 10.48 -16.41
C GLY A 57 -9.21 11.03 -15.39
N CYS A 58 -8.35 11.95 -15.85
CA CYS A 58 -7.28 12.58 -15.06
C CYS A 58 -7.49 14.11 -15.13
N ILE A 59 -7.07 14.87 -14.12
CA ILE A 59 -7.25 16.34 -14.09
C ILE A 59 -6.12 16.93 -14.90
N ASN A 60 -6.48 17.80 -15.84
CA ASN A 60 -5.49 18.39 -16.76
C ASN A 60 -5.10 19.74 -16.18
N ALA A 61 -4.17 20.42 -16.83
CA ALA A 61 -3.63 21.70 -16.34
C ALA A 61 -4.72 22.77 -16.12
N ASP A 62 -5.91 22.69 -16.76
CA ASP A 62 -6.98 23.73 -16.64
C ASP A 62 -7.90 23.38 -15.46
N GLY A 63 -7.68 22.24 -14.81
CA GLY A 63 -8.54 21.75 -13.72
C GLY A 63 -9.68 20.89 -14.19
N ASN A 64 -9.73 20.52 -15.48
CA ASN A 64 -10.87 19.69 -15.98
C ASN A 64 -10.47 18.22 -16.05
N VAL A 65 -11.48 17.35 -16.03
CA VAL A 65 -11.33 15.90 -16.30
C VAL A 65 -11.06 15.71 -17.79
N ASP A 66 -9.91 15.14 -18.11
CA ASP A 66 -9.44 14.83 -19.48
C ASP A 66 -9.48 13.30 -19.64
N TYR A 67 -10.37 12.84 -20.52
CA TYR A 67 -10.67 11.41 -20.74
C TYR A 67 -9.65 10.80 -21.73
N HIS A 68 -8.73 11.56 -22.32
CA HIS A 68 -7.57 10.97 -23.06
C HIS A 68 -6.68 10.11 -22.14
N MET A 69 -6.80 10.26 -20.82
CA MET A 69 -5.97 9.56 -19.82
C MET A 69 -6.92 8.96 -18.80
N ASN A 70 -6.48 7.95 -18.03
CA ASN A 70 -7.32 7.23 -17.05
C ASN A 70 -6.69 7.28 -15.66
N SER A 71 -7.51 7.53 -14.65
CA SER A 71 -7.18 7.35 -13.24
C SER A 71 -7.36 5.89 -12.97
N VAL A 72 -6.35 5.23 -12.39
CA VAL A 72 -6.47 3.80 -12.01
C VAL A 72 -5.95 3.62 -10.60
N PRO A 73 -6.56 2.70 -9.85
CA PRO A 73 -6.14 2.45 -8.48
C PRO A 73 -4.84 1.65 -8.50
N ILE A 74 -3.97 1.98 -7.55
CA ILE A 74 -2.73 1.23 -7.25
C ILE A 74 -3.13 0.16 -6.24
N GLN A 75 -3.07 -1.11 -6.66
CA GLN A 75 -3.56 -2.25 -5.84
C GLN A 75 -2.32 -2.91 -5.20
N GLN A 76 -2.38 -3.18 -3.90
CA GLN A 76 -1.28 -3.86 -3.17
CA GLN A 76 -1.28 -3.85 -3.15
C GLN A 76 -1.87 -5.08 -2.44
N GLU A 77 -1.25 -6.25 -2.60
CA GLU A 77 -1.63 -7.45 -1.80
C GLU A 77 -1.16 -7.22 -0.38
N ILE A 78 -2.03 -7.43 0.59
CA ILE A 78 -1.73 -7.13 2.03
C ILE A 78 -2.28 -8.28 2.88
N LEU A 79 -1.70 -8.56 4.03
CA LEU A 79 -2.26 -9.62 4.90
C LEU A 79 -3.01 -8.97 6.06
N VAL A 80 -4.09 -9.61 6.52
CA VAL A 80 -4.85 -9.26 7.75
C VAL A 80 -4.99 -10.51 8.64
N LEU A 81 -5.31 -10.30 9.91
CA LEU A 81 -5.60 -11.40 10.86
C LEU A 81 -7.12 -11.55 10.94
N ARG A 82 -7.59 -12.76 10.74
CA ARG A 82 -9.00 -13.16 10.88
C ARG A 82 -9.08 -14.04 12.14
N ARG A 83 -9.90 -13.64 13.12
CA ARG A 83 -10.26 -14.50 14.29
C ARG A 83 -10.62 -15.91 13.83
N GLU A 84 -10.03 -16.92 14.46
CA GLU A 84 -10.25 -18.37 14.16
C GLU A 84 -9.92 -19.16 15.42
N PRO A 85 -10.89 -19.86 16.04
CA PRO A 85 -12.29 -19.85 15.62
C PRO A 85 -13.02 -18.53 15.91
N PRO A 86 -14.10 -18.19 15.14
CA PRO A 86 -14.77 -16.89 15.28
C PRO A 86 -15.19 -16.56 16.72
N HIS A 87 -15.10 -15.26 17.05
CA HIS A 87 -15.49 -14.61 18.33
C HIS A 87 -14.43 -14.88 19.44
N CYS A 88 -13.47 -15.80 19.25
CA CYS A 88 -12.33 -16.07 20.20
C CYS A 88 -11.18 -15.05 20.02
N PRO A 89 -10.97 -14.11 20.97
CA PRO A 89 -10.42 -12.80 20.65
C PRO A 89 -8.90 -12.70 20.40
N ASN A 90 -8.18 -13.76 20.79
N ASN A 90 -8.10 -13.67 20.84
CA ASN A 90 -6.71 -13.79 20.97
CA ASN A 90 -6.62 -13.51 20.74
C ASN A 90 -6.06 -14.72 19.94
C ASN A 90 -6.05 -14.69 19.93
N SER A 91 -6.81 -15.22 18.99
CA SER A 91 -6.32 -16.31 18.11
C SER A 91 -6.79 -16.09 16.66
N PHE A 92 -5.87 -16.18 15.69
CA PHE A 92 -6.13 -15.76 14.28
C PHE A 92 -5.45 -16.63 13.24
N ARG A 93 -5.99 -16.61 12.03
CA ARG A 93 -5.31 -17.02 10.78
C ARG A 93 -5.10 -15.80 9.87
N LEU A 94 -3.93 -15.76 9.25
CA LEU A 94 -3.46 -14.77 8.25
C LEU A 94 -4.31 -14.91 6.99
N GLU A 95 -4.82 -13.80 6.46
CA GLU A 95 -5.53 -13.76 5.15
C GLU A 95 -4.87 -12.74 4.21
N LYS A 96 -4.97 -13.00 2.91
CA LYS A 96 -4.43 -12.15 1.83
C LYS A 96 -5.61 -11.39 1.25
N ILE A 97 -5.50 -10.07 1.14
CA ILE A 97 -6.51 -9.24 0.43
C ILE A 97 -5.79 -8.24 -0.48
N LEU A 98 -6.56 -7.68 -1.40
CA LEU A 98 -6.12 -6.67 -2.35
C LEU A 98 -6.64 -5.29 -1.89
N VAL A 99 -5.77 -4.32 -1.71
CA VAL A 99 -6.14 -2.98 -1.20
C VAL A 99 -5.66 -1.90 -2.19
N SER A 100 -6.55 -0.98 -2.52
CA SER A 100 -6.25 0.26 -3.28
C SER A 100 -5.69 1.27 -2.30
N VAL A 101 -4.49 1.75 -2.60
CA VAL A 101 -3.70 2.62 -1.68
C VAL A 101 -3.67 4.08 -2.16
N GLY A 102 -4.10 4.32 -3.38
CA GLY A 102 -3.97 5.61 -4.06
C GLY A 102 -4.28 5.40 -5.52
N CYS A 103 -4.28 6.46 -6.34
CA CYS A 103 -4.51 6.36 -7.79
C CYS A 103 -3.34 7.00 -8.53
N THR A 104 -3.05 6.52 -9.74
CA THR A 104 -2.08 7.10 -10.67
C THR A 104 -2.83 7.32 -11.99
N CYS A 105 -2.22 8.03 -12.92
CA CYS A 105 -2.77 8.43 -14.21
C CYS A 105 -2.01 7.71 -15.33
N VAL A 106 -2.73 6.87 -16.08
CA VAL A 106 -2.13 6.02 -17.16
C VAL A 106 -2.66 6.39 -18.53
N THR A 107 -1.77 6.34 -19.52
CA THR A 107 -2.11 6.30 -20.97
C THR A 107 -2.95 5.06 -21.26
N PRO A 108 -4.10 5.19 -21.95
CA PRO A 108 -4.85 4.01 -22.43
C PRO A 108 -4.15 3.36 -23.64
N ILE A 109 -4.67 2.29 -24.25
CA ILE A 109 -4.09 1.78 -25.55
C ILE A 109 -5.17 1.58 -26.63
N PRO B 1 2.29 -5.42 26.33
CA PRO B 1 1.86 -6.71 26.90
C PRO B 1 0.52 -7.25 26.34
N ARG B 2 0.37 -7.41 25.02
CA ARG B 2 -0.92 -7.88 24.38
C ARG B 2 -0.64 -8.97 23.33
N THR B 3 -0.68 -10.25 23.76
CA THR B 3 -0.15 -11.41 23.02
C THR B 3 -1.27 -12.23 22.39
N VAL B 4 -1.10 -12.59 21.15
CA VAL B 4 -2.11 -13.34 20.35
C VAL B 4 -1.33 -14.37 19.57
N MET B 5 -2.05 -15.32 19.02
CA MET B 5 -1.53 -16.50 18.33
C MET B 5 -2.00 -16.36 16.89
N VAL B 6 -1.08 -16.54 15.94
CA VAL B 6 -1.37 -16.41 14.49
C VAL B 6 -0.87 -17.65 13.76
N ASN B 7 -1.77 -18.27 13.02
CA ASN B 7 -1.47 -19.32 12.02
C ASN B 7 -0.92 -18.64 10.75
N LEU B 8 0.37 -18.78 10.45
CA LEU B 8 0.98 -18.15 9.24
C LEU B 8 0.58 -18.86 7.93
N ASN B 9 -0.27 -19.88 7.97
CA ASN B 9 -0.85 -20.49 6.75
C ASN B 9 -1.94 -19.59 6.17
N ILE B 10 -1.69 -19.05 4.99
CA ILE B 10 -2.52 -17.99 4.37
C ILE B 10 -3.84 -18.56 3.83
N HIS B 11 -4.92 -17.77 3.97
CA HIS B 11 -6.22 -17.82 3.21
C HIS B 11 -6.12 -18.80 2.02
N SER B 23 -0.62 -5.46 -12.42
CA SER B 23 -0.74 -4.73 -13.70
C SER B 23 0.61 -4.09 -14.10
N ASP B 24 0.63 -3.43 -15.26
CA ASP B 24 1.80 -2.65 -15.75
C ASP B 24 1.54 -1.12 -15.67
N TYR B 25 0.64 -0.68 -14.79
N TYR B 25 0.67 -0.65 -14.76
CA TYR B 25 0.43 0.72 -14.36
CA TYR B 25 0.53 0.80 -14.48
C TYR B 25 1.81 1.40 -14.13
C TYR B 25 1.91 1.39 -14.25
N TYR B 26 2.71 0.68 -13.47
CA TYR B 26 4.07 1.17 -13.13
C TYR B 26 4.72 1.69 -14.42
N ASN B 27 4.18 1.32 -15.61
CA ASN B 27 4.79 1.49 -16.94
C ASN B 27 4.03 2.53 -17.75
N ARG B 28 2.70 2.50 -17.75
CA ARG B 28 1.91 3.47 -18.54
C ARG B 28 1.60 4.78 -17.75
N SER B 29 1.86 4.82 -16.44
CA SER B 29 1.66 5.97 -15.54
C SER B 29 2.46 7.15 -16.02
N THR B 30 1.90 8.33 -15.87
CA THR B 30 2.64 9.59 -16.15
C THR B 30 3.64 9.75 -15.01
N SER B 31 3.47 9.01 -13.90
CA SER B 31 4.49 8.96 -12.82
C SER B 31 4.93 7.52 -12.64
N PRO B 32 5.70 6.95 -13.59
CA PRO B 32 6.02 5.54 -13.55
C PRO B 32 7.11 5.24 -12.51
N TRP B 33 7.25 3.99 -12.13
CA TRP B 33 8.16 3.58 -11.02
C TRP B 33 8.74 2.21 -11.28
N ASN B 34 9.81 1.95 -10.54
CA ASN B 34 10.59 0.70 -10.47
C ASN B 34 10.40 0.18 -9.05
N LEU B 35 10.64 -1.09 -8.81
CA LEU B 35 10.57 -1.68 -7.44
C LEU B 35 11.98 -1.99 -7.00
N HIS B 36 12.27 -1.78 -5.74
CA HIS B 36 13.55 -2.06 -5.07
C HIS B 36 13.25 -3.10 -4.00
N ARG B 37 14.06 -4.17 -3.96
CA ARG B 37 13.98 -5.31 -3.00
C ARG B 37 14.65 -4.90 -1.68
N ASN B 38 14.03 -5.11 -0.53
CA ASN B 38 14.70 -5.12 0.80
C ASN B 38 14.41 -6.49 1.44
N GLU B 39 15.45 -7.23 1.81
CA GLU B 39 15.34 -8.55 2.50
C GLU B 39 15.80 -8.38 3.95
N ASP B 40 15.05 -8.93 4.90
CA ASP B 40 15.42 -8.96 6.33
C ASP B 40 14.96 -10.29 6.92
N PRO B 41 15.91 -11.23 7.19
CA PRO B 41 15.54 -12.56 7.65
C PRO B 41 14.90 -12.59 9.05
N GLU B 42 15.05 -11.53 9.84
CA GLU B 42 14.43 -11.40 11.20
C GLU B 42 12.98 -10.85 11.13
N ARG B 43 12.42 -10.71 9.92
CA ARG B 43 11.16 -9.98 9.69
C ARG B 43 10.24 -10.85 8.84
N TYR B 44 8.94 -10.82 9.12
CA TYR B 44 7.90 -11.41 8.23
C TYR B 44 7.00 -10.26 7.80
N PRO B 45 6.77 -10.03 6.48
CA PRO B 45 7.46 -10.74 5.41
C PRO B 45 8.94 -10.33 5.35
N SER B 46 9.82 -11.25 4.95
CA SER B 46 11.27 -10.98 4.94
C SER B 46 11.60 -10.14 3.70
N VAL B 47 10.93 -10.36 2.56
CA VAL B 47 11.18 -9.56 1.33
C VAL B 47 10.05 -8.55 1.12
N ILE B 48 10.39 -7.27 1.08
CA ILE B 48 9.47 -6.14 0.76
C ILE B 48 9.99 -5.39 -0.46
N TRP B 49 9.13 -5.23 -1.45
CA TRP B 49 9.40 -4.43 -2.66
C TRP B 49 8.83 -3.02 -2.47
N GLU B 50 9.67 -2.02 -2.62
CA GLU B 50 9.37 -0.59 -2.43
C GLU B 50 9.37 0.08 -3.81
N ALA B 51 8.36 0.90 -4.12
CA ALA B 51 8.26 1.72 -5.35
C ALA B 51 9.23 2.90 -5.26
N LYS B 52 9.91 3.19 -6.38
CA LYS B 52 10.86 4.30 -6.57
C LYS B 52 10.46 4.98 -7.87
N CYS B 53 10.05 6.23 -7.79
CA CYS B 53 9.59 7.06 -8.95
C CYS B 53 10.74 7.15 -9.95
N ARG B 54 10.50 6.93 -11.22
CA ARG B 54 11.55 6.94 -12.27
C ARG B 54 12.01 8.38 -12.46
N HIS B 55 11.08 9.34 -12.33
CA HIS B 55 11.33 10.77 -12.67
C HIS B 55 10.90 11.76 -11.57
N LEU B 56 11.58 12.89 -11.52
CA LEU B 56 11.21 14.06 -10.67
C LEU B 56 9.91 14.70 -11.20
N GLY B 57 9.83 14.80 -12.50
CA GLY B 57 8.63 15.28 -13.18
C GLY B 57 7.74 14.14 -13.58
N CYS B 58 6.77 14.45 -14.43
CA CYS B 58 5.73 13.52 -14.94
C CYS B 58 5.84 13.46 -16.47
N ILE B 59 5.49 12.32 -17.06
CA ILE B 59 5.67 12.12 -18.53
C ILE B 59 4.43 12.67 -19.19
N ASN B 60 4.60 13.51 -20.18
CA ASN B 60 3.46 14.18 -20.85
C ASN B 60 3.07 13.36 -22.07
N ALA B 61 2.04 13.78 -22.80
CA ALA B 61 1.46 13.01 -23.91
C ALA B 61 2.48 12.80 -25.05
N ASP B 62 3.54 13.61 -25.20
CA ASP B 62 4.63 13.38 -26.20
C ASP B 62 5.68 12.34 -25.71
N GLY B 63 5.60 11.92 -24.44
CA GLY B 63 6.63 11.05 -23.83
C GLY B 63 7.82 11.82 -23.26
N ASN B 64 7.70 13.13 -23.12
CA ASN B 64 8.77 13.92 -22.48
C ASN B 64 8.46 14.08 -21.00
N VAL B 65 9.53 14.20 -20.22
CA VAL B 65 9.39 14.62 -18.80
C VAL B 65 9.07 16.11 -18.76
N ASP B 66 7.93 16.43 -18.16
CA ASP B 66 7.52 17.80 -17.77
C ASP B 66 7.79 18.00 -16.28
N TYR B 67 8.78 18.84 -15.95
CA TYR B 67 9.20 19.15 -14.57
C TYR B 67 8.32 20.21 -13.92
N HIS B 68 7.34 20.77 -14.59
CA HIS B 68 6.29 21.62 -13.95
C HIS B 68 5.36 20.76 -13.07
N MET B 69 5.34 19.44 -13.23
CA MET B 69 4.56 18.51 -12.36
C MET B 69 5.57 17.63 -11.62
N ASN B 70 5.15 17.00 -10.54
CA ASN B 70 6.03 16.10 -9.73
C ASN B 70 5.49 14.69 -9.64
N SER B 71 6.36 13.71 -9.88
CA SER B 71 6.12 12.31 -9.48
C SER B 71 6.43 12.28 -7.99
N VAL B 72 5.53 11.74 -7.19
CA VAL B 72 5.77 11.55 -5.74
C VAL B 72 5.30 10.15 -5.39
N PRO B 73 5.98 9.51 -4.45
CA PRO B 73 5.62 8.16 -4.02
C PRO B 73 4.44 8.25 -3.04
N ILE B 74 3.48 7.39 -3.19
CA ILE B 74 2.39 7.18 -2.21
C ILE B 74 2.93 6.27 -1.09
N GLN B 75 3.03 6.80 0.11
CA GLN B 75 3.59 6.10 1.29
C GLN B 75 2.42 5.53 2.09
N GLN B 76 2.46 4.25 2.42
CA GLN B 76 1.40 3.54 3.18
C GLN B 76 2.04 3.04 4.47
N GLU B 77 1.41 3.33 5.60
CA GLU B 77 1.77 2.68 6.88
C GLU B 77 1.37 1.22 6.78
N ILE B 78 2.29 0.36 7.17
CA ILE B 78 2.16 -1.11 6.98
C ILE B 78 2.74 -1.76 8.23
N LEU B 79 2.23 -2.92 8.63
CA LEU B 79 2.84 -3.63 9.78
C LEU B 79 3.67 -4.80 9.25
N VAL B 80 4.75 -5.09 9.95
CA VAL B 80 5.56 -6.32 9.80
C VAL B 80 5.73 -7.02 11.17
N LEU B 81 6.16 -8.28 11.15
CA LEU B 81 6.53 -9.03 12.35
C LEU B 81 8.05 -9.01 12.45
N ARG B 82 8.56 -8.58 13.59
CA ARG B 82 9.97 -8.65 14.00
C ARG B 82 10.11 -9.77 15.04
N ARG B 83 10.97 -10.77 14.80
CA ARG B 83 11.35 -11.78 15.83
C ARG B 83 11.78 -11.10 17.14
N GLU B 84 11.21 -11.56 18.27
CA GLU B 84 11.43 -11.02 19.65
C GLU B 84 11.06 -12.12 20.64
N PRO B 85 12.01 -12.64 21.46
CA PRO B 85 13.42 -12.22 21.40
C PRO B 85 14.14 -12.73 20.16
N PRO B 86 15.20 -12.03 19.68
CA PRO B 86 15.83 -12.34 18.39
C PRO B 86 16.24 -13.82 18.24
N HIS B 87 16.09 -14.35 17.02
CA HIS B 87 16.50 -15.70 16.55
C HIS B 87 15.55 -16.80 17.09
N CYS B 88 14.66 -16.51 18.06
CA CYS B 88 13.60 -17.43 18.61
C CYS B 88 12.37 -17.47 17.69
N PRO B 89 12.16 -18.57 16.93
CA PRO B 89 11.53 -18.47 15.60
C PRO B 89 10.01 -18.30 15.50
N ASN B 90 9.34 -18.49 16.66
N ASN B 90 9.21 -18.58 16.53
CA ASN B 90 7.89 -18.72 16.92
CA ASN B 90 7.74 -18.45 16.35
C ASN B 90 7.25 -17.45 17.49
C ASN B 90 7.24 -17.44 17.42
N SER B 91 8.03 -16.40 17.72
CA SER B 91 7.62 -15.29 18.60
C SER B 91 8.03 -13.94 18.00
N PHE B 92 7.10 -12.97 17.96
CA PHE B 92 7.27 -11.68 17.24
C PHE B 92 6.63 -10.52 17.97
N ARG B 93 7.12 -9.31 17.63
CA ARG B 93 6.46 -8.01 17.89
C ARG B 93 6.08 -7.38 16.55
N LEU B 94 4.92 -6.76 16.51
CA LEU B 94 4.33 -6.02 15.40
C LEU B 94 5.13 -4.73 15.28
N GLU B 95 5.57 -4.39 14.07
CA GLU B 95 6.23 -3.09 13.79
C GLU B 95 5.45 -2.33 12.71
N LYS B 96 5.48 -1.02 12.84
CA LYS B 96 4.86 -0.05 11.92
C LYS B 96 5.98 0.51 11.06
N ILE B 97 5.84 0.44 9.74
CA ILE B 97 6.80 1.03 8.79
C ILE B 97 6.05 1.76 7.71
N LEU B 98 6.81 2.60 7.00
CA LEU B 98 6.30 3.39 5.86
C LEU B 98 6.83 2.80 4.58
N VAL B 99 5.95 2.45 3.66
CA VAL B 99 6.36 1.80 2.40
C VAL B 99 5.76 2.58 1.22
N SER B 100 6.57 2.83 0.22
CA SER B 100 6.12 3.39 -1.07
CA SER B 100 6.13 3.39 -1.08
C SER B 100 5.55 2.25 -1.92
N VAL B 101 4.33 2.43 -2.36
CA VAL B 101 3.53 1.40 -3.07
C VAL B 101 3.33 1.74 -4.55
N GLY B 102 3.75 2.92 -4.96
CA GLY B 102 3.51 3.42 -6.32
C GLY B 102 3.75 4.91 -6.32
N CYS B 103 3.64 5.53 -7.48
CA CYS B 103 3.79 7.00 -7.64
C CYS B 103 2.56 7.60 -8.34
N THR B 104 2.24 8.81 -7.98
CA THR B 104 1.21 9.65 -8.63
C THR B 104 1.87 10.97 -9.02
N CYS B 105 1.18 11.75 -9.85
CA CYS B 105 1.60 13.06 -10.39
C CYS B 105 0.83 14.20 -9.71
N VAL B 106 1.52 15.06 -9.00
CA VAL B 106 0.94 16.20 -8.25
C VAL B 106 1.37 17.54 -8.87
N THR B 107 0.47 18.50 -8.86
CA THR B 107 0.76 19.94 -9.14
C THR B 107 1.58 20.44 -7.96
N PRO B 108 2.71 21.12 -8.19
CA PRO B 108 3.51 21.70 -7.12
C PRO B 108 2.75 22.75 -6.30
N ILE B 109 3.17 22.95 -5.05
CA ILE B 109 2.81 24.12 -4.19
C ILE B 109 3.77 25.27 -4.51
C23 RMK C . -0.75 -8.47 10.52
C24 RMK C . 1.49 -8.34 9.00
C25 RMK C . 2.73 -8.78 8.23
C21 RMK C . -0.94 -7.81 9.15
C14 RMK C . -2.27 -4.16 7.16
C15 RMK C . -3.38 -4.95 7.13
C16 RMK C . -4.49 -4.18 6.88
C13 RMK C . -0.92 -4.66 7.38
C12 RMK C . 2.34 -6.63 3.38
C11 RMK C . 3.03 -6.42 2.20
N3 RMK C . -0.74 -5.94 7.23
C4 RMK C . 4.89 -5.72 3.45
C5 RMK C . 4.33 -5.97 2.25
C2 RMK C . 2.96 -6.39 4.59
O1 RMK C . 0.01 -3.99 7.73
N5 RMK C . -2.74 -2.95 6.92
C17 RMK C . -2.13 -1.64 6.81
C19 RMK C . -3.00 -0.80 5.85
C18 RMK C . -2.09 -1.13 8.25
N4 RMK C . -4.12 -2.92 6.73
C RMK C . 0.54 -6.59 7.40
C20 RMK C . 0.29 -7.85 8.23
C26 RMK C . 1.67 -9.79 8.62
C22 RMK C . -1.04 -6.97 10.43
C1 RMK C . 1.14 -6.84 6.02
O RMK C . 0.47 -7.25 5.06
N RMK C . 2.41 -6.50 5.82
C3 RMK C . 4.23 -5.92 4.62
C6 RMK C . 5.05 -5.73 0.97
C9 RMK C . 5.13 -4.44 0.24
C10 RMK C . 4.50 -3.15 0.64
N2 RMK C . 5.85 -4.67 -0.85
N1 RMK C . 6.29 -5.99 -0.95
C7 RMK C . 5.82 -6.68 0.13
C8 RMK C . 6.03 -8.15 0.43
#